data_7B7A
#
_entry.id   7B7A
#
_cell.length_a   38.970
_cell.length_b   41.830
_cell.length_c   63.330
_cell.angle_alpha   93.250
_cell.angle_beta   99.860
_cell.angle_gamma   114.950
#
_symmetry.space_group_name_H-M   'P 1'
#
loop_
_entity.id
_entity.type
_entity.pdbx_description
1 polymer 'Pectin lyase-like superfamily protein'
2 branched 2-acetamido-2-deoxy-beta-D-glucopyranose-(1-4)-2-acetamido-2-deoxy-beta-D-glucopyranose
3 branched alpha-D-mannopyranose-(1-3)-alpha-D-mannopyranose-(1-6)-[alpha-D-mannopyranose-(1-3)]beta-D-mannopyranose-(1-4)-2-acetamido-2-deoxy-beta-D-glucopyranose-(1-4)-2-acetamido-2-deoxy-beta-D-glucopyranose
4 water water
#
_entity_poly.entity_id   1
_entity_poly.type   'polypeptide(L)'
_entity_poly.pdbx_seq_one_letter_code
;RYSVYWKGNRRSIAEGGSSGTINVLDHGAKGDGTSDDTKAFEDAWQVACKVAASTLLVPSGSTFLVGPVSFLGKECKEKI
VFQLEGKIIAPTSASAWGSGLLQWIEFKALQGITIKGKGIIDGRGSVWWNDMMGTKMPRTKPTALRFYGSNGVTVSGITI
QNSPQTHLKFDNCISIQVSDFTTSSPGDSPNTDGIHLQNSQDAVIYRSTLACGDDCISIQTGCSNINIHDVDCGPGHGIS
IGGLGKDNTKACVSNITVRDVTMHETTNGVRIKSWQGGSGSVKQVMFSNIQVSNVANPIIIDQYYCDGGGCHNETSAVAV
SNINYINIKGTYTKEPVRFACSDSLPCTGISLSTIELKPATGKASSLDPFCWKAHGELKTKTLPPIQCLKTEKSPEAASR
SNNDACFLEQKLISEEDLNSAVDHHHHHH
;
_entity_poly.pdbx_strand_id   A
#
# COMPACT_ATOMS: atom_id res chain seq x y z
N SER A 19 -27.43 -24.58 -5.53
CA SER A 19 -26.75 -25.90 -5.35
C SER A 19 -25.25 -25.67 -5.18
N GLY A 20 -24.61 -25.00 -6.14
CA GLY A 20 -23.17 -24.70 -6.15
C GLY A 20 -22.88 -23.39 -5.43
N THR A 21 -23.88 -22.51 -5.32
CA THR A 21 -23.81 -21.20 -4.67
C THR A 21 -24.34 -21.32 -3.27
N ILE A 22 -23.50 -21.10 -2.30
CA ILE A 22 -23.81 -21.22 -0.88
C ILE A 22 -24.16 -19.82 -0.40
N ASN A 23 -25.45 -19.54 -0.26
CA ASN A 23 -25.91 -18.25 0.25
C ASN A 23 -25.87 -18.29 1.76
N VAL A 24 -25.20 -17.31 2.38
CA VAL A 24 -25.07 -17.32 3.83
C VAL A 24 -26.43 -17.31 4.55
N LEU A 25 -27.48 -16.80 3.91
CA LEU A 25 -28.81 -16.82 4.54
C LEU A 25 -29.35 -18.24 4.74
N ASP A 26 -28.85 -19.22 4.00
CA ASP A 26 -29.24 -20.60 4.17
C ASP A 26 -28.42 -21.32 5.24
N HIS A 27 -27.54 -20.58 5.94
CA HIS A 27 -26.68 -21.14 6.99
C HIS A 27 -26.76 -20.34 8.27
N GLY A 28 -27.89 -19.67 8.49
CA GLY A 28 -28.20 -19.06 9.76
C GLY A 28 -27.97 -17.57 9.84
N ALA A 29 -27.47 -16.94 8.78
CA ALA A 29 -27.19 -15.51 8.84
C ALA A 29 -28.50 -14.74 8.80
N LYS A 30 -28.60 -13.74 9.64
CA LYS A 30 -29.83 -12.93 9.80
C LYS A 30 -29.83 -11.77 8.82
N GLY A 31 -28.67 -11.20 8.49
CA GLY A 31 -28.63 -10.12 7.52
C GLY A 31 -29.38 -8.88 7.93
N ASP A 32 -29.51 -8.64 9.23
CA ASP A 32 -30.26 -7.52 9.76
C ASP A 32 -29.36 -6.43 10.30
N GLY A 33 -28.05 -6.63 10.23
CA GLY A 33 -27.11 -5.65 10.69
C GLY A 33 -26.95 -5.59 12.18
N THR A 34 -27.53 -6.48 12.93
CA THR A 34 -27.63 -6.14 14.32
C THR A 34 -27.35 -7.40 15.08
N SER A 35 -27.82 -8.54 14.53
CA SER A 35 -27.46 -9.85 15.05
C SER A 35 -26.08 -10.26 14.56
N ASP A 36 -25.32 -10.96 15.40
CA ASP A 36 -23.94 -11.35 15.05
C ASP A 36 -23.98 -12.56 14.12
N ASP A 37 -23.55 -12.38 12.87
CA ASP A 37 -23.60 -13.42 11.86
C ASP A 37 -22.27 -14.15 11.67
N THR A 38 -21.30 -13.95 12.57
CA THR A 38 -19.98 -14.54 12.37
C THR A 38 -20.04 -16.05 12.24
N LYS A 39 -20.77 -16.68 13.16
CA LYS A 39 -20.96 -18.15 13.23
C LYS A 39 -21.49 -18.66 11.89
N ALA A 40 -22.51 -17.99 11.34
CA ALA A 40 -23.15 -18.36 10.08
C ALA A 40 -22.16 -18.28 8.92
N PHE A 41 -21.30 -17.25 8.92
CA PHE A 41 -20.31 -17.12 7.85
C PHE A 41 -19.27 -18.23 7.93
N GLU A 42 -18.82 -18.57 9.15
CA GLU A 42 -17.89 -19.69 9.30
C GLU A 42 -18.52 -21.00 8.83
N ASP A 43 -19.81 -21.19 9.14
CA ASP A 43 -20.50 -22.42 8.74
C ASP A 43 -20.65 -22.49 7.22
N ALA A 44 -21.00 -21.38 6.59
CA ALA A 44 -21.11 -21.36 5.13
C ALA A 44 -19.76 -21.62 4.49
N TRP A 45 -18.70 -21.06 5.06
CA TRP A 45 -17.36 -21.29 4.53
C TRP A 45 -17.01 -22.77 4.56
N GLN A 46 -17.33 -23.44 5.66
CA GLN A 46 -17.07 -24.89 5.83
C GLN A 46 -17.78 -25.67 4.73
N VAL A 47 -18.98 -25.26 4.34
CA VAL A 47 -19.72 -25.93 3.27
C VAL A 47 -19.06 -25.64 1.92
N ALA A 48 -18.80 -24.36 1.65
CA ALA A 48 -18.20 -23.99 0.37
C ALA A 48 -16.85 -24.67 0.19
N CYS A 49 -16.10 -24.81 1.29
CA CYS A 49 -14.78 -25.42 1.23
C CYS A 49 -14.82 -26.85 0.77
N LYS A 50 -15.96 -27.52 0.81
CA LYS A 50 -15.97 -28.95 0.42
C LYS A 50 -16.15 -29.13 -1.10
N VAL A 51 -16.67 -28.16 -1.83
CA VAL A 51 -16.90 -28.33 -3.30
C VAL A 51 -16.08 -27.33 -4.12
N ALA A 52 -15.36 -27.84 -5.13
CA ALA A 52 -14.65 -27.01 -6.09
C ALA A 52 -15.65 -26.22 -6.93
N ALA A 53 -15.16 -25.12 -7.49
CA ALA A 53 -16.00 -24.20 -8.27
C ALA A 53 -17.15 -23.65 -7.44
N SER A 54 -17.10 -23.80 -6.12
CA SER A 54 -18.22 -23.32 -5.27
C SER A 54 -18.08 -21.81 -5.06
N THR A 55 -19.19 -21.16 -4.83
CA THR A 55 -19.28 -19.74 -4.56
C THR A 55 -19.97 -19.57 -3.22
N LEU A 56 -19.36 -18.83 -2.31
CA LEU A 56 -20.05 -18.35 -1.11
C LEU A 56 -20.61 -16.97 -1.44
N LEU A 57 -21.93 -16.84 -1.39
CA LEU A 57 -22.59 -15.59 -1.75
C LEU A 57 -23.05 -14.86 -0.49
N VAL A 58 -22.63 -13.60 -0.38
CA VAL A 58 -23.10 -12.64 0.62
C VAL A 58 -24.06 -11.75 -0.16
N PRO A 59 -25.36 -11.97 -0.05
CA PRO A 59 -26.27 -11.42 -1.06
C PRO A 59 -26.55 -9.93 -0.93
N SER A 60 -26.82 -9.31 -2.09
CA SER A 60 -27.27 -7.92 -2.14
C SER A 60 -28.62 -7.81 -1.44
N GLY A 61 -28.87 -6.65 -0.85
CA GLY A 61 -30.11 -6.39 -0.16
C GLY A 61 -30.07 -6.76 1.31
N SER A 62 -28.94 -7.22 1.81
CA SER A 62 -28.79 -7.61 3.19
C SER A 62 -27.50 -7.00 3.72
N THR A 63 -27.48 -6.75 5.03
CA THR A 63 -26.31 -6.22 5.73
C THR A 63 -25.99 -7.17 6.86
N PHE A 64 -24.72 -7.57 6.96
CA PHE A 64 -24.30 -8.63 7.87
C PHE A 64 -23.28 -8.09 8.84
N LEU A 65 -23.61 -8.15 10.13
CA LEU A 65 -22.68 -7.84 11.21
C LEU A 65 -21.80 -9.05 11.44
N VAL A 66 -20.51 -8.89 11.17
CA VAL A 66 -19.54 -9.99 11.27
C VAL A 66 -18.36 -9.48 12.07
N GLY A 67 -18.01 -10.19 13.14
CA GLY A 67 -16.86 -9.84 13.94
C GLY A 67 -15.58 -10.43 13.37
N PRO A 68 -14.51 -10.41 14.15
CA PRO A 68 -13.26 -11.03 13.70
C PRO A 68 -13.50 -12.44 13.22
N VAL A 69 -12.91 -12.76 12.08
CA VAL A 69 -13.17 -14.05 11.46
C VAL A 69 -11.97 -14.42 10.62
N SER A 70 -11.65 -15.71 10.59
CA SER A 70 -10.55 -16.22 9.78
C SER A 70 -11.07 -17.36 8.93
N PHE A 71 -11.00 -17.19 7.63
CA PHE A 71 -11.38 -18.20 6.64
C PHE A 71 -10.10 -18.94 6.26
N LEU A 72 -9.95 -20.15 6.77
CA LEU A 72 -8.71 -20.91 6.65
C LEU A 72 -8.76 -21.85 5.47
N GLY A 73 -7.64 -21.96 4.79
CA GLY A 73 -7.59 -22.72 3.56
C GLY A 73 -6.90 -24.04 3.75
N LYS A 74 -6.16 -24.13 4.87
CA LYS A 74 -5.39 -25.35 5.28
C LYS A 74 -6.28 -26.58 5.17
N GLU A 75 -7.47 -26.55 5.77
CA GLU A 75 -8.43 -27.69 5.76
C GLU A 75 -9.47 -27.46 4.66
N CYS A 76 -9.36 -26.37 3.90
CA CYS A 76 -10.31 -26.01 2.86
C CYS A 76 -9.76 -26.36 1.47
N LYS A 77 -10.60 -26.07 0.48
CA LYS A 77 -10.35 -26.27 -0.96
C LYS A 77 -9.82 -24.97 -1.55
N GLU A 78 -9.26 -25.15 -2.75
CA GLU A 78 -8.61 -24.12 -3.62
C GLU A 78 -9.61 -23.61 -4.68
N LYS A 79 -9.52 -22.37 -5.26
CA LYS A 79 -10.37 -21.90 -6.39
C LYS A 79 -11.75 -21.46 -5.88
N ILE A 80 -11.91 -21.26 -4.57
CA ILE A 80 -13.17 -20.79 -4.01
C ILE A 80 -13.40 -19.34 -4.39
N VAL A 81 -14.67 -19.00 -4.56
CA VAL A 81 -15.11 -17.64 -4.86
C VAL A 81 -15.96 -17.16 -3.69
N PHE A 82 -15.61 -16.00 -3.15
CA PHE A 82 -16.35 -15.31 -2.10
C PHE A 82 -16.97 -14.12 -2.82
N GLN A 83 -18.29 -14.20 -3.09
CA GLN A 83 -19.00 -13.21 -3.88
C GLN A 83 -19.74 -12.28 -2.93
N LEU A 84 -19.24 -11.06 -2.80
CA LEU A 84 -19.76 -10.08 -1.87
C LEU A 84 -20.60 -9.11 -2.69
N GLU A 85 -21.93 -9.25 -2.58
CA GLU A 85 -22.84 -8.34 -3.24
C GLU A 85 -23.58 -7.43 -2.27
N GLY A 86 -23.79 -7.87 -1.03
CA GLY A 86 -24.37 -7.05 0.01
C GLY A 86 -23.30 -6.30 0.78
N LYS A 87 -23.57 -6.06 2.06
CA LYS A 87 -22.68 -5.27 2.91
C LYS A 87 -22.32 -6.06 4.15
N ILE A 88 -21.03 -6.07 4.49
CA ILE A 88 -20.54 -6.62 5.73
C ILE A 88 -20.09 -5.44 6.58
N ILE A 89 -20.56 -5.38 7.82
CA ILE A 89 -20.24 -4.31 8.74
C ILE A 89 -19.57 -4.86 9.99
N ALA A 90 -18.64 -4.10 10.53
CA ALA A 90 -17.87 -4.53 11.69
C ALA A 90 -18.59 -4.14 12.96
N PRO A 91 -18.43 -4.94 14.02
CA PRO A 91 -18.98 -4.53 15.32
C PRO A 91 -18.28 -3.29 15.84
N THR A 92 -19.04 -2.44 16.54
CA THR A 92 -18.50 -1.24 17.16
C THR A 92 -18.31 -1.39 18.65
N SER A 93 -18.71 -2.52 19.23
CA SER A 93 -18.50 -2.75 20.66
C SER A 93 -17.11 -3.33 20.89
N ALA A 94 -16.42 -2.81 21.90
CA ALA A 94 -15.08 -3.29 22.22
C ALA A 94 -15.07 -4.77 22.56
N SER A 95 -16.16 -5.27 23.15
CA SER A 95 -16.19 -6.67 23.55
C SER A 95 -16.06 -7.62 22.37
N ALA A 96 -16.35 -7.16 21.15
CA ALA A 96 -16.27 -8.05 20.00
C ALA A 96 -14.84 -8.31 19.58
N TRP A 97 -13.88 -7.49 20.03
CA TRP A 97 -12.54 -7.48 19.45
C TRP A 97 -11.47 -7.99 20.40
N GLY A 98 -11.61 -7.93 21.71
CA GLY A 98 -10.48 -8.32 22.57
C GLY A 98 -9.35 -7.29 22.46
N SER A 99 -8.10 -7.68 22.66
CA SER A 99 -6.93 -6.76 22.55
C SER A 99 -5.89 -7.39 21.62
N GLY A 100 -5.11 -6.55 20.94
CA GLY A 100 -4.01 -7.00 20.08
C GLY A 100 -4.41 -7.66 18.78
N LEU A 101 -5.68 -7.58 18.33
CA LEU A 101 -6.12 -8.23 17.06
C LEU A 101 -5.66 -7.35 15.88
N LEU A 102 -4.88 -7.89 14.96
CA LEU A 102 -4.31 -7.10 13.88
C LEU A 102 -5.15 -7.11 12.62
N GLN A 103 -6.22 -7.91 12.56
CA GLN A 103 -7.06 -7.98 11.34
C GLN A 103 -8.49 -8.37 11.69
N TRP A 104 -9.46 -7.77 10.97
CA TRP A 104 -10.88 -8.07 11.11
C TRP A 104 -11.21 -9.34 10.32
N ILE A 105 -11.18 -9.26 9.00
CA ILE A 105 -11.48 -10.41 8.14
C ILE A 105 -10.16 -10.91 7.56
N GLU A 106 -9.88 -12.20 7.74
CA GLU A 106 -8.65 -12.80 7.24
C GLU A 106 -8.95 -14.01 6.38
N PHE A 107 -8.24 -14.15 5.27
CA PHE A 107 -8.19 -15.35 4.45
C PHE A 107 -6.76 -15.86 4.51
N LYS A 108 -6.58 -17.12 4.85
CA LYS A 108 -5.24 -17.62 5.21
C LYS A 108 -5.00 -18.95 4.52
N ALA A 109 -3.85 -19.04 3.83
CA ALA A 109 -3.37 -20.30 3.24
C ALA A 109 -4.33 -20.88 2.18
N LEU A 110 -4.77 -20.02 1.28
CA LEU A 110 -5.67 -20.38 0.20
C LEU A 110 -4.92 -20.40 -1.13
N GLN A 111 -5.41 -21.23 -2.02
N GLN A 111 -5.42 -21.22 -2.05
CA GLN A 111 -4.88 -21.33 -3.39
CA GLN A 111 -4.85 -21.31 -3.41
C GLN A 111 -5.99 -20.97 -4.38
C GLN A 111 -5.97 -20.99 -4.40
N GLY A 112 -5.84 -19.86 -5.10
CA GLY A 112 -6.79 -19.43 -6.09
C GLY A 112 -8.05 -18.83 -5.55
N ILE A 113 -8.00 -18.15 -4.41
CA ILE A 113 -9.17 -17.51 -3.82
C ILE A 113 -9.50 -16.23 -4.57
N THR A 114 -10.79 -16.02 -4.82
CA THR A 114 -11.30 -14.82 -5.46
C THR A 114 -12.35 -14.19 -4.56
N ILE A 115 -12.20 -12.91 -4.27
CA ILE A 115 -13.22 -12.05 -3.69
C ILE A 115 -13.70 -11.13 -4.78
N LYS A 116 -14.98 -11.22 -5.11
CA LYS A 116 -15.50 -10.39 -6.19
C LYS A 116 -16.91 -9.93 -5.82
N GLY A 117 -17.42 -9.01 -6.61
CA GLY A 117 -18.76 -8.49 -6.46
C GLY A 117 -18.75 -6.98 -6.25
N LYS A 118 -19.94 -6.40 -6.24
CA LYS A 118 -20.03 -4.95 -6.11
C LYS A 118 -20.51 -4.53 -4.74
N GLY A 119 -20.39 -5.39 -3.74
CA GLY A 119 -20.75 -5.06 -2.40
C GLY A 119 -19.64 -4.37 -1.63
N ILE A 120 -19.86 -4.25 -0.32
CA ILE A 120 -19.14 -3.30 0.51
C ILE A 120 -18.73 -3.99 1.81
N ILE A 121 -17.49 -3.73 2.23
CA ILE A 121 -17.01 -4.03 3.58
C ILE A 121 -16.90 -2.69 4.28
N ASP A 122 -17.61 -2.50 5.40
CA ASP A 122 -17.58 -1.23 6.12
C ASP A 122 -17.08 -1.50 7.53
N GLY A 123 -15.89 -0.99 7.83
CA GLY A 123 -15.27 -1.23 9.10
C GLY A 123 -15.74 -0.35 10.23
N ARG A 124 -16.63 0.61 9.97
CA ARG A 124 -17.12 1.50 11.03
C ARG A 124 -15.94 2.08 11.81
N GLY A 125 -14.91 2.47 11.05
CA GLY A 125 -13.62 2.79 11.61
C GLY A 125 -13.62 3.99 12.52
N SER A 126 -14.62 4.86 12.42
CA SER A 126 -14.63 6.06 13.24
C SER A 126 -14.63 5.72 14.74
N VAL A 127 -15.14 4.55 15.13
CA VAL A 127 -15.10 4.19 16.54
C VAL A 127 -13.67 3.93 17.01
N TRP A 128 -12.76 3.64 16.09
CA TRP A 128 -11.36 3.39 16.41
C TRP A 128 -10.53 4.63 16.23
N TRP A 129 -10.77 5.36 15.14
CA TRP A 129 -9.99 6.55 14.89
C TRP A 129 -10.20 7.48 16.03
N ASN A 130 -11.46 7.45 16.50
CA ASN A 130 -12.06 8.37 17.49
C ASN A 130 -12.05 7.82 18.94
N ASP A 131 -11.34 6.72 19.21
CA ASP A 131 -11.05 6.24 20.59
C ASP A 131 -12.32 5.89 21.36
N MET A 132 -13.05 4.90 20.85
CA MET A 132 -14.30 4.43 21.50
C MET A 132 -14.21 2.93 21.76
N MET A 133 -13.01 2.33 21.69
CA MET A 133 -12.83 0.95 21.98
C MET A 133 -11.94 0.90 23.21
N GLY A 134 -12.53 0.30 24.19
CA GLY A 134 -11.55 -0.14 25.18
C GLY A 134 -11.13 1.01 26.07
N THR A 135 -10.43 0.72 27.17
CA THR A 135 -9.98 1.73 28.15
C THR A 135 -8.89 2.56 27.50
N LYS A 136 -8.56 2.11 26.32
CA LYS A 136 -7.28 2.57 25.71
C LYS A 136 -7.16 2.25 24.20
N MET A 137 -6.70 3.21 23.39
CA MET A 137 -6.55 2.94 21.96
C MET A 137 -5.23 2.24 21.67
N PRO A 138 -5.26 1.17 20.88
CA PRO A 138 -4.01 0.54 20.43
C PRO A 138 -3.39 1.38 19.32
N ARG A 139 -2.06 1.53 19.30
CA ARG A 139 -1.38 2.28 18.22
C ARG A 139 -1.76 1.62 16.88
N THR A 140 -1.69 0.31 16.78
CA THR A 140 -2.08 -0.41 15.58
C THR A 140 -3.46 -1.02 15.79
N LYS A 141 -4.37 -0.66 14.91
CA LYS A 141 -5.79 -1.06 14.89
C LYS A 141 -5.98 -2.09 13.80
N PRO A 142 -7.12 -2.78 13.72
CA PRO A 142 -7.22 -3.89 12.77
C PRO A 142 -7.29 -3.47 11.31
N THR A 143 -6.57 -4.23 10.48
CA THR A 143 -6.74 -4.21 9.04
C THR A 143 -8.12 -4.78 8.70
N ALA A 144 -8.82 -4.17 7.75
CA ALA A 144 -10.16 -4.65 7.44
C ALA A 144 -10.14 -6.01 6.75
N LEU A 145 -9.34 -6.17 5.70
CA LEU A 145 -9.30 -7.40 4.92
C LEU A 145 -7.84 -7.78 4.71
N ARG A 146 -7.43 -8.94 5.20
CA ARG A 146 -6.05 -9.39 5.11
C ARG A 146 -6.00 -10.77 4.46
N PHE A 147 -5.11 -10.92 3.49
CA PHE A 147 -4.77 -12.21 2.91
C PHE A 147 -3.37 -12.59 3.36
N TYR A 148 -3.21 -13.82 3.84
CA TYR A 148 -1.94 -14.31 4.31
C TYR A 148 -1.62 -15.63 3.60
N GLY A 149 -0.39 -15.77 3.12
CA GLY A 149 0.10 -17.08 2.74
C GLY A 149 -0.65 -17.74 1.61
N SER A 150 -1.16 -16.95 0.68
CA SER A 150 -2.06 -17.45 -0.35
C SER A 150 -1.38 -17.27 -1.70
N ASN A 151 -1.67 -18.18 -2.59
CA ASN A 151 -1.09 -18.22 -3.95
C ASN A 151 -2.24 -18.12 -4.93
N GLY A 152 -2.30 -17.06 -5.69
CA GLY A 152 -3.37 -16.84 -6.63
C GLY A 152 -4.52 -16.21 -5.89
N VAL A 153 -4.44 -14.92 -5.64
CA VAL A 153 -5.49 -14.18 -4.95
C VAL A 153 -6.02 -13.12 -5.90
N THR A 154 -7.32 -13.07 -6.06
CA THR A 154 -7.98 -12.03 -6.86
C THR A 154 -8.93 -11.28 -5.95
N VAL A 155 -8.86 -9.96 -5.97
CA VAL A 155 -9.83 -9.08 -5.33
C VAL A 155 -10.38 -8.15 -6.40
N SER A 156 -11.68 -8.21 -6.65
CA SER A 156 -12.26 -7.42 -7.72
C SER A 156 -13.59 -6.85 -7.29
N GLY A 157 -13.89 -5.66 -7.77
CA GLY A 157 -15.21 -5.11 -7.66
C GLY A 157 -15.62 -4.44 -6.37
N ILE A 158 -15.15 -4.97 -5.24
CA ILE A 158 -15.67 -4.57 -3.93
C ILE A 158 -15.18 -3.18 -3.53
N THR A 159 -15.84 -2.60 -2.53
CA THR A 159 -15.43 -1.37 -1.87
C THR A 159 -15.18 -1.67 -0.41
N ILE A 160 -14.09 -1.15 0.14
CA ILE A 160 -13.82 -1.18 1.57
C ILE A 160 -13.88 0.25 2.05
N GLN A 161 -14.75 0.52 3.00
CA GLN A 161 -14.91 1.85 3.51
C GLN A 161 -14.74 1.89 5.03
N ASN A 162 -14.18 2.99 5.49
CA ASN A 162 -14.06 3.27 6.90
C ASN A 162 -13.35 2.14 7.63
N SER A 163 -12.15 1.83 7.17
N SER A 163 -12.15 1.80 7.16
CA SER A 163 -11.39 0.79 7.82
CA SER A 163 -11.39 0.75 7.81
C SER A 163 -10.89 1.30 9.16
C SER A 163 -10.83 1.27 9.13
N PRO A 164 -10.75 0.42 10.17
CA PRO A 164 -10.07 0.85 11.40
C PRO A 164 -8.65 1.32 11.14
N GLN A 165 -7.95 0.66 10.24
CA GLN A 165 -6.59 1.03 9.87
C GLN A 165 -6.42 0.69 8.38
N THR A 166 -5.53 -0.21 8.02
CA THR A 166 -5.30 -0.52 6.62
C THR A 166 -6.56 -1.16 6.02
N HIS A 167 -6.87 -0.83 4.76
CA HIS A 167 -8.07 -1.40 4.14
C HIS A 167 -7.82 -2.84 3.67
N LEU A 168 -6.79 -3.06 2.85
CA LEU A 168 -6.51 -4.35 2.24
C LEU A 168 -5.02 -4.64 2.38
N LYS A 169 -4.67 -5.80 2.93
CA LYS A 169 -3.29 -6.20 3.12
C LYS A 169 -3.03 -7.56 2.50
N PHE A 170 -1.87 -7.68 1.86
CA PHE A 170 -1.33 -8.94 1.35
C PHE A 170 -0.04 -9.19 2.08
N ASP A 171 0.04 -10.32 2.77
N ASP A 171 0.04 -10.33 2.76
CA ASP A 171 1.22 -10.72 3.53
CA ASP A 171 1.22 -10.72 3.56
C ASP A 171 1.63 -12.11 3.09
C ASP A 171 1.66 -12.11 3.12
N ASN A 172 2.85 -12.24 2.55
CA ASN A 172 3.36 -13.53 2.11
C ASN A 172 2.43 -14.19 1.08
N CYS A 173 2.02 -13.40 0.08
CA CYS A 173 1.17 -13.87 -0.99
C CYS A 173 1.88 -13.73 -2.33
N ILE A 174 1.55 -14.60 -3.25
CA ILE A 174 2.14 -14.60 -4.62
C ILE A 174 1.04 -14.70 -5.65
N SER A 175 1.14 -13.94 -6.73
N SER A 175 1.17 -13.96 -6.76
CA SER A 175 0.19 -13.99 -7.83
CA SER A 175 0.18 -14.01 -7.83
C SER A 175 -1.13 -13.34 -7.44
C SER A 175 -1.11 -13.37 -7.35
N ILE A 176 -1.10 -12.04 -7.33
CA ILE A 176 -2.17 -11.22 -6.79
C ILE A 176 -2.71 -10.36 -7.92
N GLN A 177 -4.02 -10.23 -8.00
CA GLN A 177 -4.66 -9.32 -8.96
C GLN A 177 -5.71 -8.54 -8.22
N VAL A 178 -5.65 -7.24 -8.21
CA VAL A 178 -6.65 -6.34 -7.63
C VAL A 178 -7.17 -5.47 -8.76
N SER A 179 -8.48 -5.48 -8.99
CA SER A 179 -9.05 -4.71 -10.08
C SER A 179 -10.45 -4.19 -9.72
N ASP A 180 -10.82 -3.07 -10.32
CA ASP A 180 -12.16 -2.50 -10.09
C ASP A 180 -12.46 -2.36 -8.61
N PHE A 181 -11.46 -1.93 -7.84
CA PHE A 181 -11.47 -1.95 -6.39
C PHE A 181 -11.48 -0.51 -5.88
N THR A 182 -12.20 -0.27 -4.79
CA THR A 182 -12.33 1.07 -4.23
C THR A 182 -12.09 1.03 -2.72
N THR A 183 -11.33 2.00 -2.23
CA THR A 183 -11.31 2.30 -0.80
C THR A 183 -11.93 3.67 -0.60
N SER A 184 -12.52 3.87 0.58
CA SER A 184 -13.14 5.15 0.92
C SER A 184 -13.06 5.34 2.44
N SER A 185 -12.03 6.05 2.88
CA SER A 185 -11.98 6.53 4.24
C SER A 185 -11.58 8.00 4.20
N PRO A 186 -11.94 8.78 5.22
CA PRO A 186 -11.66 10.22 5.16
C PRO A 186 -10.18 10.53 5.06
N GLY A 187 -9.87 11.64 4.37
CA GLY A 187 -8.49 12.04 4.19
C GLY A 187 -7.77 12.34 5.49
N ASP A 188 -8.51 12.72 6.53
CA ASP A 188 -7.95 13.02 7.83
C ASP A 188 -8.07 11.86 8.82
N SER A 189 -8.51 10.68 8.37
CA SER A 189 -8.51 9.52 9.27
C SER A 189 -7.08 9.03 9.47
N PRO A 190 -6.74 8.51 10.65
CA PRO A 190 -5.35 8.16 10.94
C PRO A 190 -4.97 6.77 10.40
N ASN A 191 -3.88 6.72 9.66
CA ASN A 191 -3.22 5.47 9.30
C ASN A 191 -4.07 4.54 8.46
N THR A 192 -5.03 5.08 7.72
CA THR A 192 -5.96 4.24 6.95
C THR A 192 -5.41 4.06 5.52
N ASP A 193 -4.29 3.38 5.45
N ASP A 193 -4.28 3.37 5.55
N ASP A 193 -4.24 3.43 5.45
CA ASP A 193 -3.65 3.13 4.14
CA ASP A 193 -3.63 3.13 4.24
CA ASP A 193 -3.58 3.13 4.15
C ASP A 193 -4.56 2.25 3.31
C ASP A 193 -4.55 2.24 3.41
C ASP A 193 -4.54 2.27 3.34
N GLY A 194 -4.47 2.37 2.01
CA GLY A 194 -5.34 1.65 1.09
C GLY A 194 -4.98 0.20 0.90
N ILE A 195 -3.91 -0.08 0.19
CA ILE A 195 -3.45 -1.44 -0.07
C ILE A 195 -2.00 -1.51 0.43
N HIS A 196 -1.73 -2.48 1.28
CA HIS A 196 -0.40 -2.71 1.86
C HIS A 196 0.06 -4.08 1.43
N LEU A 197 1.31 -4.16 0.96
CA LEU A 197 1.90 -5.42 0.56
C LEU A 197 3.19 -5.63 1.34
N GLN A 198 3.40 -6.85 1.80
CA GLN A 198 4.62 -7.24 2.49
C GLN A 198 4.94 -8.68 2.12
N ASN A 199 6.20 -8.97 1.82
CA ASN A 199 6.61 -10.33 1.47
C ASN A 199 5.75 -10.90 0.36
N SER A 200 5.34 -10.06 -0.58
CA SER A 200 4.44 -10.49 -1.64
C SER A 200 5.05 -10.22 -3.01
N GLN A 201 4.76 -11.07 -3.95
CA GLN A 201 5.40 -11.04 -5.27
C GLN A 201 4.38 -11.26 -6.37
N ASP A 202 4.64 -10.70 -7.52
CA ASP A 202 3.85 -10.93 -8.73
C ASP A 202 2.42 -10.45 -8.55
N ALA A 203 2.30 -9.15 -8.35
CA ALA A 203 1.03 -8.50 -8.09
C ALA A 203 0.75 -7.47 -9.16
N VAL A 204 -0.51 -7.39 -9.56
N VAL A 204 -0.49 -7.40 -9.58
N VAL A 204 -0.50 -7.39 -9.55
CA VAL A 204 -0.97 -6.31 -10.44
CA VAL A 204 -0.98 -6.32 -10.42
CA VAL A 204 -0.99 -6.33 -10.43
C VAL A 204 -2.18 -5.67 -9.77
C VAL A 204 -2.15 -5.68 -9.70
C VAL A 204 -2.20 -5.67 -9.79
N ILE A 205 -2.16 -4.35 -9.67
CA ILE A 205 -3.23 -3.55 -9.08
C ILE A 205 -3.63 -2.55 -10.14
N TYR A 206 -4.88 -2.60 -10.58
CA TYR A 206 -5.28 -1.73 -11.67
C TYR A 206 -6.75 -1.37 -11.64
N ARG A 207 -7.11 -0.35 -12.40
CA ARG A 207 -8.51 0.14 -12.50
C ARG A 207 -9.11 0.23 -11.10
N SER A 208 -8.47 0.96 -10.22
CA SER A 208 -8.89 1.09 -8.83
C SER A 208 -8.84 2.55 -8.40
N THR A 209 -9.68 2.87 -7.42
CA THR A 209 -9.84 4.22 -6.90
C THR A 209 -9.61 4.17 -5.39
N LEU A 210 -8.59 4.88 -4.92
CA LEU A 210 -8.12 4.75 -3.54
C LEU A 210 -8.25 6.11 -2.87
N ALA A 211 -9.20 6.27 -1.97
CA ALA A 211 -9.44 7.47 -1.15
C ALA A 211 -9.11 7.04 0.28
N CYS A 212 -8.03 7.55 0.87
CA CYS A 212 -7.39 7.01 2.09
C CYS A 212 -6.98 8.17 3.01
N GLY A 213 -6.68 7.85 4.24
CA GLY A 213 -6.13 8.81 5.22
C GLY A 213 -4.62 8.60 5.35
N ASP A 214 -4.02 7.66 4.60
CA ASP A 214 -2.58 7.47 4.65
C ASP A 214 -2.15 7.05 3.24
N ASP A 215 -1.04 6.32 3.12
CA ASP A 215 -0.58 5.88 1.80
C ASP A 215 -1.69 5.15 1.06
N CYS A 216 -1.94 5.54 -0.18
CA CYS A 216 -2.92 4.82 -0.98
C CYS A 216 -2.46 3.40 -1.27
N ILE A 217 -1.18 3.26 -1.58
CA ILE A 217 -0.52 1.94 -1.77
C ILE A 217 0.80 1.98 -1.01
N SER A 218 1.06 1.03 -0.15
N SER A 218 1.08 1.04 -0.18
CA SER A 218 2.33 0.97 0.62
CA SER A 218 2.30 0.98 0.61
C SER A 218 2.98 -0.39 0.37
C SER A 218 2.97 -0.35 0.32
N ILE A 219 4.19 -0.34 -0.15
CA ILE A 219 5.01 -1.55 -0.51
C ILE A 219 6.13 -1.67 0.50
N GLN A 220 6.03 -2.72 1.22
N GLN A 220 6.01 -2.72 1.22
CA GLN A 220 6.97 -2.96 2.30
CA GLN A 220 6.98 -2.95 2.32
C GLN A 220 7.98 -4.02 1.89
C GLN A 220 8.04 -3.95 1.88
N THR A 221 8.88 -4.33 2.83
CA THR A 221 9.95 -5.27 2.56
C THR A 221 9.42 -6.60 2.06
N GLY A 222 10.26 -7.25 1.25
CA GLY A 222 10.04 -8.57 0.73
C GLY A 222 9.22 -8.58 -0.51
N CYS A 223 8.91 -7.42 -1.08
CA CYS A 223 8.07 -7.34 -2.26
C CYS A 223 8.91 -7.19 -3.53
N SER A 224 8.47 -7.90 -4.56
N SER A 224 8.47 -7.90 -4.56
CA SER A 224 9.09 -7.73 -5.87
CA SER A 224 9.11 -7.79 -5.87
C SER A 224 8.04 -8.00 -6.92
C SER A 224 8.08 -8.08 -6.95
N ASN A 225 8.29 -7.46 -8.11
CA ASN A 225 7.47 -7.71 -9.29
C ASN A 225 6.04 -7.23 -9.03
N ILE A 226 5.90 -5.95 -8.71
CA ILE A 226 4.64 -5.31 -8.41
C ILE A 226 4.36 -4.31 -9.53
N ASN A 227 3.18 -4.39 -10.14
CA ASN A 227 2.75 -3.54 -11.23
C ASN A 227 1.45 -2.85 -10.86
N ILE A 228 1.48 -1.52 -10.83
CA ILE A 228 0.31 -0.70 -10.49
C ILE A 228 0.02 0.16 -11.69
N HIS A 229 -1.21 0.09 -12.23
CA HIS A 229 -1.51 0.97 -13.36
C HIS A 229 -2.99 1.33 -13.40
N ASP A 230 -3.28 2.47 -14.02
CA ASP A 230 -4.65 2.92 -14.16
C ASP A 230 -5.32 3.01 -12.80
N VAL A 231 -4.76 3.79 -11.91
CA VAL A 231 -5.27 3.98 -10.53
C VAL A 231 -5.46 5.47 -10.25
N ASP A 232 -6.49 5.84 -9.51
CA ASP A 232 -6.71 7.21 -9.04
C ASP A 232 -6.51 7.25 -7.52
N CYS A 233 -5.66 8.13 -7.01
N CYS A 233 -5.66 8.12 -7.02
CA CYS A 233 -5.36 8.21 -5.57
CA CYS A 233 -5.44 8.24 -5.57
C CYS A 233 -5.78 9.61 -5.10
C CYS A 233 -5.90 9.62 -5.13
N GLY A 234 -6.29 9.74 -3.88
CA GLY A 234 -6.71 11.05 -3.35
C GLY A 234 -8.12 11.01 -2.77
N PRO A 235 -8.31 11.46 -1.51
CA PRO A 235 -7.21 11.89 -0.64
C PRO A 235 -6.30 10.73 -0.28
N GLY A 236 -5.20 11.05 0.38
CA GLY A 236 -4.25 10.06 0.86
C GLY A 236 -2.86 10.65 0.85
N HIS A 237 -1.89 9.78 1.09
CA HIS A 237 -0.48 10.19 1.20
C HIS A 237 0.37 9.77 0.00
N GLY A 238 -0.25 9.23 -1.05
CA GLY A 238 0.42 8.89 -2.29
C GLY A 238 0.72 7.40 -2.37
N ILE A 239 1.58 7.05 -3.31
CA ILE A 239 2.03 5.68 -3.51
C ILE A 239 3.46 5.61 -3.00
N SER A 240 3.71 4.76 -2.02
CA SER A 240 4.97 4.76 -1.30
C SER A 240 5.58 3.38 -1.26
N ILE A 241 6.90 3.34 -1.41
CA ILE A 241 7.70 2.22 -0.97
C ILE A 241 8.23 2.60 0.40
N GLY A 242 7.92 1.79 1.40
CA GLY A 242 8.35 2.07 2.77
C GLY A 242 7.18 2.45 3.66
N GLY A 243 7.51 2.88 4.91
CA GLY A 243 8.87 3.12 5.40
C GLY A 243 9.68 1.89 5.62
N LEU A 244 10.85 1.83 5.05
CA LEU A 244 11.70 0.66 5.11
C LEU A 244 12.75 0.80 6.19
N GLY A 245 13.03 -0.31 6.87
CA GLY A 245 14.17 -0.40 7.75
C GLY A 245 14.02 0.15 9.15
N LYS A 246 12.80 0.35 9.63
CA LYS A 246 12.59 0.90 10.95
C LYS A 246 13.18 -0.01 12.02
N ASP A 247 13.70 0.60 13.07
CA ASP A 247 14.25 -0.12 14.21
C ASP A 247 15.45 -0.95 13.77
N ASN A 248 16.26 -0.37 12.89
CA ASN A 248 17.50 -0.99 12.43
C ASN A 248 17.28 -2.36 11.81
N THR A 249 16.32 -2.43 10.90
CA THR A 249 15.98 -3.68 10.24
C THR A 249 16.38 -3.63 8.77
N LYS A 250 16.40 -4.81 8.15
CA LYS A 250 16.78 -5.00 6.76
C LYS A 250 15.54 -5.12 5.88
N ALA A 251 15.54 -4.41 4.76
CA ALA A 251 14.44 -4.37 3.82
C ALA A 251 14.94 -4.65 2.41
N CYS A 252 14.13 -5.39 1.63
CA CYS A 252 14.47 -5.70 0.24
C CYS A 252 13.24 -5.51 -0.63
N VAL A 253 13.34 -4.64 -1.64
CA VAL A 253 12.24 -4.36 -2.56
C VAL A 253 12.85 -4.21 -3.96
N SER A 254 12.24 -4.83 -4.97
CA SER A 254 12.77 -4.67 -6.32
C SER A 254 11.68 -4.86 -7.38
N ASN A 255 11.92 -4.25 -8.52
CA ASN A 255 11.08 -4.35 -9.75
C ASN A 255 9.65 -3.87 -9.45
N ILE A 256 9.49 -2.58 -9.19
CA ILE A 256 8.22 -1.96 -8.91
C ILE A 256 7.92 -1.04 -10.07
N THR A 257 6.75 -1.17 -10.68
CA THR A 257 6.32 -0.31 -11.77
C THR A 257 5.00 0.33 -11.40
N VAL A 258 4.92 1.65 -11.56
CA VAL A 258 3.72 2.45 -11.35
C VAL A 258 3.53 3.26 -12.62
N ARG A 259 2.42 3.08 -13.30
CA ARG A 259 2.17 3.73 -14.60
C ARG A 259 0.72 4.17 -14.73
N ASP A 260 0.50 5.34 -15.26
CA ASP A 260 -0.84 5.82 -15.61
C ASP A 260 -1.70 5.98 -14.35
N VAL A 261 -1.26 6.88 -13.50
CA VAL A 261 -1.88 7.13 -12.20
C VAL A 261 -2.17 8.61 -12.08
N THR A 262 -3.32 8.95 -11.49
N THR A 262 -3.30 8.95 -11.39
CA THR A 262 -3.69 10.33 -11.21
CA THR A 262 -3.68 10.33 -11.11
C THR A 262 -3.79 10.50 -9.71
C THR A 262 -3.78 10.50 -9.61
N MET A 263 -3.22 11.56 -9.19
CA MET A 263 -3.17 11.82 -7.74
C MET A 263 -3.76 13.19 -7.48
N HIS A 264 -4.81 13.24 -6.65
CA HIS A 264 -5.54 14.49 -6.37
C HIS A 264 -5.50 14.84 -4.87
N GLU A 265 -4.81 15.93 -4.53
CA GLU A 265 -4.73 16.50 -3.16
C GLU A 265 -4.04 15.55 -2.17
N THR A 266 -3.14 14.66 -2.62
CA THR A 266 -2.39 13.81 -1.73
C THR A 266 -1.18 14.54 -1.17
N THR A 267 -0.69 14.08 -0.02
CA THR A 267 0.48 14.67 0.63
C THR A 267 1.81 14.33 -0.05
N ASN A 268 1.87 13.23 -0.77
CA ASN A 268 3.03 12.90 -1.61
C ASN A 268 2.46 12.37 -2.91
N GLY A 269 3.31 12.35 -3.94
CA GLY A 269 2.96 11.67 -5.18
C GLY A 269 3.52 10.28 -5.18
N VAL A 270 4.74 10.11 -5.67
CA VAL A 270 5.46 8.84 -5.65
C VAL A 270 6.64 8.98 -4.71
N ARG A 271 6.65 8.18 -3.66
CA ARG A 271 7.59 8.32 -2.56
C ARG A 271 8.34 7.03 -2.29
N ILE A 272 9.63 7.15 -1.96
CA ILE A 272 10.38 6.07 -1.33
C ILE A 272 10.84 6.63 0.00
N LYS A 273 10.52 5.94 1.10
CA LYS A 273 10.87 6.40 2.44
C LYS A 273 11.60 5.28 3.17
N SER A 274 12.71 5.64 3.82
CA SER A 274 13.47 4.71 4.63
C SER A 274 14.03 5.38 5.86
N TRP A 275 14.28 4.55 6.86
CA TRP A 275 14.74 4.99 8.17
C TRP A 275 16.26 4.90 8.27
N GLN A 276 16.84 5.91 8.91
CA GLN A 276 18.25 5.84 9.23
C GLN A 276 18.48 4.58 10.08
N GLY A 277 19.55 3.85 9.81
CA GLY A 277 19.81 2.63 10.52
C GLY A 277 19.29 1.40 9.86
N GLY A 278 18.38 1.53 8.89
CA GLY A 278 17.96 0.40 8.13
C GLY A 278 19.08 -0.10 7.24
N SER A 279 18.88 -1.27 6.67
CA SER A 279 19.80 -1.84 5.71
C SER A 279 19.01 -2.53 4.61
N GLY A 280 19.70 -3.06 3.63
CA GLY A 280 19.08 -3.74 2.49
C GLY A 280 19.08 -2.88 1.23
N SER A 281 18.11 -3.08 0.37
N SER A 281 18.07 -3.07 0.40
CA SER A 281 18.09 -2.44 -0.96
CA SER A 281 18.09 -2.44 -0.95
C SER A 281 16.70 -2.28 -1.55
C SER A 281 16.72 -2.32 -1.61
N VAL A 282 16.55 -1.13 -2.20
N VAL A 282 16.57 -1.14 -2.10
CA VAL A 282 15.35 -0.82 -3.03
CA VAL A 282 15.37 -0.82 -2.93
C VAL A 282 15.97 -0.57 -4.40
C VAL A 282 15.99 -0.57 -4.30
N LYS A 283 15.63 -1.37 -5.38
CA LYS A 283 16.24 -1.28 -6.70
C LYS A 283 15.23 -1.54 -7.81
N GLN A 284 15.40 -0.81 -8.91
CA GLN A 284 14.63 -1.04 -10.14
C GLN A 284 13.18 -0.67 -9.96
N VAL A 285 12.92 0.62 -9.98
CA VAL A 285 11.60 1.19 -9.73
C VAL A 285 11.34 2.15 -10.86
N MET A 286 10.15 2.10 -11.41
N MET A 286 10.14 2.08 -11.41
CA MET A 286 9.72 2.97 -12.52
CA MET A 286 9.73 2.96 -12.53
C MET A 286 8.42 3.64 -12.14
C MET A 286 8.41 3.62 -12.19
N PHE A 287 8.42 4.94 -12.12
CA PHE A 287 7.24 5.75 -11.91
C PHE A 287 7.00 6.53 -13.20
N SER A 288 5.93 6.22 -13.93
N SER A 288 5.93 6.20 -13.91
CA SER A 288 5.75 6.85 -15.21
CA SER A 288 5.69 6.72 -15.26
C SER A 288 4.30 7.20 -15.48
C SER A 288 4.27 7.23 -15.41
N ASN A 289 4.11 8.29 -16.21
CA ASN A 289 2.78 8.76 -16.61
C ASN A 289 1.92 9.01 -15.38
N ILE A 290 2.42 9.91 -14.54
CA ILE A 290 1.76 10.29 -13.28
C ILE A 290 1.29 11.72 -13.46
N GLN A 291 0.02 11.96 -13.21
CA GLN A 291 -0.56 13.31 -13.23
C GLN A 291 -0.88 13.70 -11.79
N VAL A 292 -0.40 14.83 -11.32
CA VAL A 292 -0.62 15.31 -9.96
C VAL A 292 -1.42 16.61 -9.98
N SER A 293 -2.36 16.72 -9.05
N SER A 293 -2.36 16.73 -9.05
CA SER A 293 -3.19 17.91 -8.94
CA SER A 293 -3.21 17.91 -8.92
C SER A 293 -3.17 18.32 -7.46
C SER A 293 -3.19 18.32 -7.47
N ASN A 294 -2.54 19.46 -7.16
CA ASN A 294 -2.47 19.96 -5.80
C ASN A 294 -1.86 18.93 -4.84
N VAL A 295 -0.78 18.31 -5.26
CA VAL A 295 -0.08 17.31 -4.47
C VAL A 295 1.09 17.99 -3.77
N ALA A 296 1.23 17.76 -2.47
CA ALA A 296 2.21 18.53 -1.70
C ALA A 296 3.62 18.26 -2.17
N ASN A 297 4.04 17.01 -2.14
CA ASN A 297 5.42 16.57 -2.48
C ASN A 297 5.38 15.53 -3.59
N PRO A 298 5.36 15.94 -4.87
CA PRO A 298 5.11 14.96 -5.95
C PRO A 298 6.15 13.88 -6.10
N ILE A 299 7.43 14.20 -5.96
CA ILE A 299 8.52 13.26 -6.18
C ILE A 299 9.42 13.35 -4.95
N ILE A 300 9.57 12.24 -4.23
CA ILE A 300 10.36 12.27 -2.99
C ILE A 300 11.03 10.94 -2.73
N ILE A 301 12.34 10.99 -2.44
CA ILE A 301 13.07 9.92 -1.80
C ILE A 301 13.54 10.50 -0.46
N ASP A 302 13.11 9.90 0.64
CA ASP A 302 13.40 10.44 1.96
C ASP A 302 14.05 9.36 2.81
N GLN A 303 15.39 9.42 2.96
CA GLN A 303 16.11 8.49 3.81
C GLN A 303 16.35 9.03 5.21
N TYR A 304 15.56 10.03 5.60
CA TYR A 304 15.54 10.63 6.93
C TYR A 304 14.13 10.50 7.50
N TYR A 305 13.34 9.54 6.98
CA TYR A 305 11.97 9.38 7.42
C TYR A 305 11.93 8.95 8.89
N CYS A 306 11.09 9.61 9.68
CA CYS A 306 11.04 9.25 11.09
C CYS A 306 9.69 9.52 11.74
N ASP A 307 8.61 9.45 10.97
CA ASP A 307 7.29 9.63 11.56
C ASP A 307 7.06 8.53 12.60
N GLY A 308 6.78 8.94 13.84
CA GLY A 308 6.52 7.97 14.89
C GLY A 308 7.75 7.38 15.53
N GLY A 309 8.90 8.00 15.39
CA GLY A 309 10.07 7.54 16.08
C GLY A 309 11.10 8.62 16.20
N GLY A 310 12.34 8.21 16.49
CA GLY A 310 13.40 9.16 16.64
C GLY A 310 13.99 9.58 15.30
N CYS A 311 14.52 10.80 15.25
N CYS A 311 14.48 10.81 15.27
CA CYS A 311 15.00 11.41 14.02
CA CYS A 311 14.99 11.43 14.02
C CYS A 311 16.53 11.55 13.99
C CYS A 311 16.52 11.55 14.01
N HIS A 312 17.22 10.67 14.68
CA HIS A 312 18.67 10.70 14.65
C HIS A 312 19.17 10.00 13.39
N ASN A 313 20.44 10.20 13.11
CA ASN A 313 21.15 9.56 11.98
C ASN A 313 21.93 8.34 12.47
N GLU A 314 22.15 7.42 11.60
CA GLU A 314 22.91 6.21 11.85
C GLU A 314 23.75 5.87 10.63
N THR A 315 24.73 5.00 10.80
CA THR A 315 25.65 4.74 9.71
C THR A 315 25.13 3.75 8.69
N SER A 316 24.08 3.00 8.99
N SER A 316 24.07 3.00 9.00
CA SER A 316 23.49 2.10 8.01
CA SER A 316 23.47 2.10 8.03
C SER A 316 22.36 2.79 7.27
C SER A 316 22.35 2.80 7.28
N ALA A 317 22.16 2.41 6.02
CA ALA A 317 21.01 2.86 5.24
C ALA A 317 20.54 1.76 4.32
N VAL A 318 19.25 1.82 3.95
CA VAL A 318 18.77 1.07 2.79
C VAL A 318 19.37 1.68 1.54
N ALA A 319 19.94 0.85 0.67
CA ALA A 319 20.58 1.34 -0.55
C ALA A 319 19.52 1.54 -1.63
N VAL A 320 19.35 2.76 -2.11
CA VAL A 320 18.37 3.09 -3.14
C VAL A 320 19.09 3.23 -4.48
N SER A 321 18.65 2.49 -5.49
CA SER A 321 19.28 2.60 -6.78
C SER A 321 18.35 2.26 -7.94
N ASN A 322 18.66 2.84 -9.09
N ASN A 322 18.62 2.89 -9.08
CA ASN A 322 17.93 2.61 -10.32
CA ASN A 322 17.93 2.58 -10.32
C ASN A 322 16.44 2.90 -10.13
C ASN A 322 16.43 2.91 -10.23
N ILE A 323 16.16 4.19 -9.98
CA ILE A 323 14.82 4.73 -9.77
C ILE A 323 14.57 5.69 -10.91
N ASN A 324 13.51 5.46 -11.65
CA ASN A 324 13.19 6.17 -12.88
C ASN A 324 11.88 6.90 -12.78
N TYR A 325 11.90 8.17 -13.15
CA TYR A 325 10.73 9.04 -13.16
C TYR A 325 10.54 9.55 -14.58
N ILE A 326 9.41 9.24 -15.19
CA ILE A 326 9.16 9.55 -16.60
C ILE A 326 7.75 10.10 -16.75
N ASN A 327 7.64 11.31 -17.29
CA ASN A 327 6.34 11.89 -17.65
C ASN A 327 5.46 12.09 -16.40
N ILE A 328 5.90 13.00 -15.55
CA ILE A 328 5.22 13.37 -14.31
C ILE A 328 4.90 14.83 -14.42
N LYS A 329 3.62 15.18 -14.40
CA LYS A 329 3.20 16.54 -14.66
C LYS A 329 2.04 16.92 -13.75
N GLY A 330 1.91 18.22 -13.52
CA GLY A 330 0.78 18.77 -12.79
C GLY A 330 1.20 19.84 -11.82
N THR A 331 0.46 20.02 -10.73
CA THR A 331 0.70 21.10 -9.81
C THR A 331 1.03 20.56 -8.42
N TYR A 332 1.82 21.33 -7.68
CA TYR A 332 2.32 20.92 -6.38
C TYR A 332 2.18 22.04 -5.37
N THR A 333 2.06 21.68 -4.09
CA THR A 333 1.81 22.68 -3.06
C THR A 333 2.94 22.86 -2.05
N LYS A 334 3.96 22.01 -2.06
CA LYS A 334 5.10 22.14 -1.12
C LYS A 334 6.41 21.97 -1.89
N GLU A 335 7.30 21.02 -1.63
CA GLU A 335 8.52 20.88 -2.42
C GLU A 335 8.26 20.06 -3.67
N PRO A 336 8.72 20.51 -4.85
CA PRO A 336 8.39 19.75 -6.07
C PRO A 336 9.12 18.42 -6.18
N VAL A 337 10.41 18.41 -5.83
CA VAL A 337 11.26 17.24 -5.91
C VAL A 337 12.18 17.28 -4.70
N ARG A 338 12.28 16.16 -4.00
CA ARG A 338 13.20 16.05 -2.87
C ARG A 338 13.88 14.70 -2.94
N PHE A 339 15.19 14.69 -3.16
CA PHE A 339 15.99 13.47 -3.09
C PHE A 339 16.92 13.64 -1.90
N ALA A 340 16.52 13.17 -0.73
CA ALA A 340 17.28 13.32 0.50
C ALA A 340 17.83 11.94 0.86
N CYS A 341 19.04 11.65 0.40
CA CYS A 341 19.65 10.33 0.56
C CYS A 341 20.69 10.31 1.68
N SER A 342 21.03 9.11 2.13
CA SER A 342 21.85 9.00 3.33
C SER A 342 23.29 9.42 3.05
N ASP A 343 23.87 10.13 4.00
CA ASP A 343 25.30 10.47 3.94
C ASP A 343 26.19 9.24 3.86
N SER A 344 25.76 8.15 4.46
N SER A 344 25.77 8.14 4.45
CA SER A 344 26.51 6.93 4.56
CA SER A 344 26.58 6.94 4.50
C SER A 344 26.31 6.00 3.37
C SER A 344 26.31 5.99 3.34
N LEU A 345 25.33 6.30 2.49
CA LEU A 345 25.04 5.45 1.34
C LEU A 345 24.21 6.25 0.33
N PRO A 346 24.87 7.04 -0.53
CA PRO A 346 24.15 7.91 -1.47
C PRO A 346 23.25 7.10 -2.39
N CYS A 347 22.16 7.75 -2.81
N CYS A 347 22.16 7.72 -2.85
CA CYS A 347 21.30 7.18 -3.83
CA CYS A 347 21.28 7.03 -3.79
C CYS A 347 22.01 7.24 -5.18
C CYS A 347 21.78 7.28 -5.20
N THR A 348 21.77 6.24 -6.02
CA THR A 348 22.41 6.21 -7.33
C THR A 348 21.43 5.78 -8.39
N GLY A 349 21.76 6.08 -9.64
CA GLY A 349 20.95 5.65 -10.75
C GLY A 349 19.57 6.27 -10.76
N ILE A 350 19.42 7.48 -10.23
CA ILE A 350 18.13 8.19 -10.37
C ILE A 350 18.07 8.80 -11.77
N SER A 351 17.00 8.57 -12.51
N SER A 351 17.01 8.57 -12.52
CA SER A 351 16.85 9.15 -13.84
CA SER A 351 16.88 9.18 -13.82
C SER A 351 15.54 9.89 -13.92
C SER A 351 15.56 9.91 -13.92
N LEU A 352 15.57 11.09 -14.52
CA LEU A 352 14.38 11.89 -14.69
C LEU A 352 14.21 12.28 -16.14
N SER A 353 12.97 12.17 -16.62
CA SER A 353 12.60 12.56 -17.97
C SER A 353 11.21 13.16 -17.94
N THR A 354 11.01 14.28 -18.64
CA THR A 354 9.68 14.79 -18.94
C THR A 354 8.91 15.08 -17.64
N ILE A 355 9.49 15.94 -16.83
CA ILE A 355 8.92 16.40 -15.57
C ILE A 355 8.47 17.84 -15.78
N GLU A 356 7.20 18.12 -15.59
CA GLU A 356 6.62 19.46 -15.78
C GLU A 356 5.68 19.73 -14.62
N LEU A 357 6.21 20.33 -13.58
CA LEU A 357 5.49 20.58 -12.34
C LEU A 357 5.41 22.09 -12.12
N LYS A 358 4.20 22.58 -11.81
CA LYS A 358 3.96 23.99 -11.62
C LYS A 358 3.47 24.21 -10.19
N PRO A 359 3.91 25.26 -9.53
CA PRO A 359 3.45 25.51 -8.15
C PRO A 359 1.99 25.91 -8.14
N ALA A 360 1.24 25.31 -7.22
CA ALA A 360 -0.16 25.64 -7.05
C ALA A 360 -0.36 26.88 -6.19
N THR A 361 0.62 27.19 -5.33
CA THR A 361 0.55 28.34 -4.44
C THR A 361 1.84 29.14 -4.55
N GLY A 362 1.78 30.39 -4.07
CA GLY A 362 2.98 31.21 -4.03
C GLY A 362 4.07 30.59 -3.18
N LYS A 363 3.68 30.05 -2.02
CA LYS A 363 4.58 29.38 -1.05
C LYS A 363 5.37 28.30 -1.80
N ALA A 364 4.65 27.41 -2.50
CA ALA A 364 5.24 26.33 -3.29
C ALA A 364 6.21 26.88 -4.32
N SER A 365 5.92 28.04 -4.88
CA SER A 365 6.78 28.54 -5.96
C SER A 365 8.15 28.94 -5.46
N SER A 366 8.29 29.18 -4.16
N SER A 366 8.29 29.19 -4.16
CA SER A 366 9.54 29.61 -3.56
CA SER A 366 9.54 29.61 -3.55
C SER A 366 10.41 28.44 -3.15
C SER A 366 10.40 28.44 -3.10
N LEU A 367 9.94 27.21 -3.32
CA LEU A 367 10.66 26.02 -2.89
C LEU A 367 11.24 25.34 -4.12
N ASP A 368 12.56 25.28 -4.19
CA ASP A 368 13.24 24.68 -5.33
C ASP A 368 13.43 23.19 -5.06
N PRO A 369 13.75 22.42 -6.10
CA PRO A 369 14.15 21.03 -5.87
C PRO A 369 15.29 20.95 -4.88
N PHE A 370 15.27 19.89 -4.08
CA PHE A 370 16.29 19.64 -3.07
C PHE A 370 16.92 18.29 -3.33
N CYS A 371 18.25 18.27 -3.45
CA CYS A 371 19.01 17.04 -3.60
C CYS A 371 20.09 17.00 -2.54
N TRP A 372 20.27 15.83 -1.94
CA TRP A 372 21.29 15.62 -0.93
C TRP A 372 21.80 14.21 -1.13
N LYS A 373 23.06 14.08 -1.53
CA LYS A 373 23.70 12.78 -1.71
C LYS A 373 22.98 11.93 -2.75
N ALA A 374 22.52 12.58 -3.83
CA ALA A 374 21.72 11.91 -4.85
C ALA A 374 22.45 11.97 -6.18
N HIS A 375 22.67 10.81 -6.79
CA HIS A 375 23.37 10.66 -8.06
C HIS A 375 22.43 10.14 -9.13
N GLY A 376 22.58 10.67 -10.34
CA GLY A 376 21.77 10.17 -11.44
C GLY A 376 21.91 11.03 -12.67
N GLU A 377 20.87 11.05 -13.48
CA GLU A 377 20.92 11.80 -14.73
C GLU A 377 19.59 12.45 -15.08
N LEU A 378 19.67 13.60 -15.70
CA LEU A 378 18.51 14.24 -16.32
C LEU A 378 18.54 13.87 -17.79
N LYS A 379 17.49 13.23 -18.27
CA LYS A 379 17.33 12.81 -19.67
C LYS A 379 16.67 13.94 -20.46
N THR A 380 15.99 14.87 -19.82
CA THR A 380 15.43 16.04 -20.48
C THR A 380 15.60 17.21 -19.53
N LYS A 381 15.42 18.42 -20.04
CA LYS A 381 15.21 19.52 -19.12
C LYS A 381 13.89 19.30 -18.39
N THR A 382 13.82 19.84 -17.18
CA THR A 382 12.63 19.68 -16.36
C THR A 382 12.14 21.04 -15.91
N LEU A 383 10.86 21.10 -15.56
CA LEU A 383 10.30 22.23 -14.83
C LEU A 383 9.79 21.76 -13.48
N PRO A 384 10.25 22.34 -12.37
CA PRO A 384 11.35 23.30 -12.24
C PRO A 384 12.66 22.62 -12.62
N PRO A 385 13.69 23.39 -12.98
CA PRO A 385 14.99 22.77 -13.24
C PRO A 385 15.52 22.03 -12.02
N ILE A 386 16.04 20.84 -12.27
CA ILE A 386 16.71 20.03 -11.26
C ILE A 386 18.16 20.02 -11.66
N GLN A 387 18.98 20.77 -10.94
CA GLN A 387 20.39 20.89 -11.30
C GLN A 387 21.31 20.37 -10.20
N CYS A 388 20.77 19.66 -9.22
N CYS A 388 20.79 19.64 -9.22
CA CYS A 388 21.52 19.21 -8.06
CA CYS A 388 21.61 19.22 -8.09
C CYS A 388 21.88 17.73 -8.08
C CYS A 388 21.85 17.71 -8.05
N LEU A 389 21.41 16.97 -9.06
CA LEU A 389 21.75 15.55 -9.14
C LEU A 389 23.19 15.42 -9.61
N LYS A 390 23.93 14.51 -8.99
CA LYS A 390 25.35 14.36 -9.26
C LYS A 390 25.57 13.34 -10.36
N THR A 391 26.34 13.74 -11.37
CA THR A 391 26.62 12.86 -12.51
C THR A 391 27.75 11.88 -12.22
N GLU A 392 28.62 12.19 -11.27
CA GLU A 392 29.74 11.31 -11.00
C GLU A 392 29.26 10.04 -10.32
N LYS A 393 30.14 9.05 -10.26
CA LYS A 393 29.80 7.80 -9.58
C LYS A 393 30.09 7.95 -8.10
N SER A 394 29.49 7.06 -7.31
CA SER A 394 29.65 7.15 -5.86
C SER A 394 30.42 5.94 -5.35
N PRO A 395 31.72 6.06 -5.08
CA PRO A 395 32.43 4.94 -4.46
C PRO A 395 31.83 4.56 -3.11
N GLU A 396 31.27 5.56 -2.40
CA GLU A 396 30.65 5.30 -1.11
C GLU A 396 29.48 4.33 -1.25
N ALA A 397 28.58 4.59 -2.19
CA ALA A 397 27.45 3.69 -2.38
C ALA A 397 27.92 2.31 -2.80
N ALA A 398 28.87 2.25 -3.74
CA ALA A 398 29.31 0.97 -4.27
C ALA A 398 30.02 0.13 -3.21
N SER A 399 30.66 0.77 -2.23
CA SER A 399 31.40 0.07 -1.19
C SER A 399 30.52 -0.59 -0.14
N ARG A 400 29.22 -0.31 -0.11
CA ARG A 400 28.35 -0.99 0.89
C ARG A 400 27.70 -2.17 0.13
N SER A 401 27.84 -3.40 0.67
CA SER A 401 27.33 -4.67 0.10
C SER A 401 25.79 -4.71 0.15
N ASN A 402 25.11 -4.25 -0.90
CA ASN A 402 23.63 -4.24 -1.01
C ASN A 402 23.24 -4.90 -2.35
N ASN A 403 23.82 -6.07 -2.64
CA ASN A 403 23.58 -6.85 -3.88
C ASN A 403 23.00 -8.22 -3.53
N ASP A 404 23.85 -9.13 -3.04
CA ASP A 404 23.50 -10.52 -2.65
C ASP A 404 22.76 -10.62 -1.32
N ALA A 405 22.74 -9.61 -0.45
CA ALA A 405 21.99 -9.67 0.79
C ALA A 405 20.50 -9.68 0.55
N CYS A 406 20.04 -9.15 -0.60
CA CYS A 406 18.63 -9.01 -0.88
C CYS A 406 18.15 -9.79 -2.09
N PHE A 407 18.99 -9.98 -3.11
CA PHE A 407 18.50 -10.44 -4.40
C PHE A 407 19.35 -11.58 -4.92
N LEU A 408 18.71 -12.49 -5.64
CA LEU A 408 19.41 -13.63 -6.28
C LEU A 408 19.75 -13.30 -7.74
N GLU A 409 18.95 -12.53 -8.49
CA GLU A 409 19.37 -12.16 -9.87
C GLU A 409 20.26 -10.92 -9.79
#